data_7UE7
#
_entry.id   7UE7
#
_cell.length_a   98.213
_cell.length_b   98.213
_cell.length_c   69.240
_cell.angle_alpha   90.000
_cell.angle_beta   90.000
_cell.angle_gamma   120.000
#
_symmetry.space_group_name_H-M   'P 31 2 1'
#
loop_
_entity.id
_entity.type
_entity.pdbx_description
1 polymer 'Pantothenate kinase 3'
2 non-polymer 'PHOSPHOAMINOPHOSPHONIC ACID-ADENYLATE ESTER'
3 non-polymer 'MAGNESIUM ION'
4 non-polymer 6-{4-[(4-cyclopropyl-3-fluorophenyl)acetyl]piperazin-1-yl}pyridazine-3-carbonitrile
5 non-polymer 1,2-ETHANEDIOL
6 non-polymer 'ACETATE ION'
7 water water
#
_entity_poly.entity_id   1
_entity_poly.type   'polypeptide(L)'
_entity_poly.pdbx_seq_one_letter_code
;MGSSHHHHHHSSGLVPRGSPWFGMDIGGTLVKLSYFEPIDITAEEEQEEVESLKSIRKYLTSNVAYGSTGIRDVHLELKD
LTLFGRRGNLHFIRFPTQDLPTFIQMGRDKNFSTLQTVLCATGGGAYKFEKDFRTIGNLHLHKLDELDCLVKGLLYIDSV
SFNGQAECYYFANASEPERCQKMPFNLDDPYPLLVVNIGSGVSILAVHSKDNYKRVTGTSLGGGTFLGLCSLLTGCESFE
EALEMASKGDSTQADKLVRDIYGGDYERFGLPGWAVASSFGNMIYKEKRESVSKEDLARATLVTITNNIGSVARMCAVNE
KINRVVFVGNFLRVNTLSMKLLAYALDYWSKGQLKALFLEHEGYFGAVGALLGLPNFSDD
;
_entity_poly.pdbx_strand_id   A
#
# COMPACT_ATOMS: atom_id res chain seq x y z
N SER A 19 -22.62 12.99 13.03
CA SER A 19 -22.26 12.39 11.75
C SER A 19 -21.45 11.13 11.98
N PRO A 20 -21.47 10.19 11.02
CA PRO A 20 -20.54 9.06 11.09
C PRO A 20 -19.12 9.58 10.95
N TRP A 21 -18.19 8.83 11.54
CA TRP A 21 -16.78 9.20 11.57
C TRP A 21 -16.06 8.44 10.47
N PHE A 22 -15.64 9.15 9.41
CA PHE A 22 -14.97 8.54 8.24
C PHE A 22 -13.65 9.25 7.94
N GLY A 23 -12.71 8.48 7.40
CA GLY A 23 -11.40 8.98 6.91
C GLY A 23 -11.28 8.52 5.47
N MET A 24 -11.02 9.40 4.49
CA MET A 24 -10.97 8.98 3.10
C MET A 24 -9.64 9.39 2.48
N ASP A 25 -9.02 8.46 1.76
CA ASP A 25 -7.81 8.69 0.97
C ASP A 25 -8.17 8.37 -0.48
N ILE A 26 -8.31 9.40 -1.32
CA ILE A 26 -8.69 9.23 -2.71
C ILE A 26 -7.41 9.25 -3.54
N GLY A 27 -6.93 8.06 -3.91
CA GLY A 27 -5.72 7.96 -4.69
C GLY A 27 -6.00 7.96 -6.18
N GLY A 28 -4.91 7.89 -6.96
CA GLY A 28 -5.04 7.79 -8.40
C GLY A 28 -5.75 6.53 -8.87
N THR A 29 -5.67 5.45 -8.09
CA THR A 29 -6.26 4.16 -8.47
C THR A 29 -7.36 3.72 -7.52
N LEU A 30 -7.10 3.75 -6.22
CA LEU A 30 -8.05 3.24 -5.23
C LEU A 30 -8.46 4.33 -4.25
N VAL A 31 -9.72 4.27 -3.82
CA VAL A 31 -10.21 5.05 -2.68
C VAL A 31 -10.15 4.13 -1.47
N LYS A 32 -9.58 4.64 -0.39
CA LYS A 32 -9.52 3.90 0.87
C LYS A 32 -10.32 4.68 1.90
N LEU A 33 -11.14 3.95 2.65
CA LEU A 33 -12.04 4.55 3.62
C LEU A 33 -11.84 3.87 4.96
N SER A 34 -11.65 4.65 6.03
CA SER A 34 -11.67 4.14 7.38
C SER A 34 -12.95 4.62 8.05
N TYR A 35 -13.67 3.69 8.67
CA TYR A 35 -14.96 4.00 9.26
C TYR A 35 -14.96 3.52 10.70
N PHE A 36 -15.25 4.42 11.64
CA PHE A 36 -15.33 4.07 13.06
C PHE A 36 -16.77 3.75 13.43
N GLU A 37 -17.02 2.48 13.78
CA GLU A 37 -18.34 2.02 14.20
C GLU A 37 -18.44 2.07 15.71
N PRO A 38 -19.20 2.99 16.30
CA PRO A 38 -19.33 2.99 17.76
C PRO A 38 -20.03 1.72 18.24
N ILE A 39 -19.52 1.17 19.35
CA ILE A 39 -20.13 -0.01 19.96
C ILE A 39 -20.60 0.25 21.38
N ASP A 40 -20.56 1.51 21.82
CA ASP A 40 -21.02 1.90 23.14
C ASP A 40 -22.29 2.75 23.07
N ILE A 41 -23.13 2.50 22.07
CA ILE A 41 -24.34 3.28 21.88
C ILE A 41 -25.29 3.01 23.05
N THR A 42 -25.72 4.08 23.72
CA THR A 42 -26.70 3.95 24.80
C THR A 42 -28.10 3.80 24.23
N ALA A 43 -29.04 3.41 25.09
CA ALA A 43 -30.43 3.32 24.67
C ALA A 43 -30.98 4.68 24.26
N GLU A 44 -30.60 5.74 24.98
CA GLU A 44 -31.01 7.07 24.59
C GLU A 44 -30.39 7.47 23.25
N GLU A 45 -29.10 7.18 23.05
CA GLU A 45 -28.46 7.56 21.80
C GLU A 45 -29.09 6.86 20.61
N GLU A 46 -29.51 5.60 20.78
CA GLU A 46 -30.15 4.89 19.68
C GLU A 46 -31.47 5.53 19.28
N GLN A 47 -32.23 6.00 20.27
CA GLN A 47 -33.47 6.72 19.97
C GLN A 47 -33.18 7.97 19.15
N GLU A 48 -32.20 8.77 19.58
CA GLU A 48 -31.93 10.06 18.96
C GLU A 48 -31.24 9.96 17.60
N GLU A 49 -30.89 8.76 17.13
CA GLU A 49 -30.21 8.65 15.84
C GLU A 49 -31.22 8.55 14.72
N VAL A 50 -31.00 9.31 13.65
CA VAL A 50 -31.94 9.37 12.55
C VAL A 50 -31.84 8.10 11.70
N GLU A 51 -32.92 7.81 10.98
CA GLU A 51 -33.02 6.55 10.25
C GLU A 51 -31.88 6.38 9.25
N SER A 52 -31.58 7.43 8.48
CA SER A 52 -30.54 7.32 7.47
C SER A 52 -29.18 6.98 8.09
N LEU A 53 -28.91 7.50 9.28
CA LEU A 53 -27.66 7.18 9.97
C LEU A 53 -27.62 5.70 10.38
N LYS A 54 -28.72 5.20 10.96
CA LYS A 54 -28.80 3.79 11.27
C LYS A 54 -28.72 2.94 10.01
N SER A 55 -29.29 3.44 8.90
CA SER A 55 -29.22 2.70 7.65
C SER A 55 -27.79 2.56 7.14
N ILE A 56 -27.00 3.62 7.26
CA ILE A 56 -25.59 3.56 6.83
C ILE A 56 -24.83 2.56 7.68
N ARG A 57 -24.97 2.66 9.01
CA ARG A 57 -24.23 1.76 9.89
C ARG A 57 -24.60 0.31 9.65
N LYS A 58 -25.90 0.03 9.49
CA LYS A 58 -26.34 -1.32 9.18
C LYS A 58 -25.79 -1.78 7.83
N TYR A 59 -25.84 -0.91 6.82
CA TYR A 59 -25.37 -1.27 5.50
C TYR A 59 -23.89 -1.62 5.52
N LEU A 60 -23.08 -0.79 6.19
CA LEU A 60 -21.63 -1.01 6.21
C LEU A 60 -21.26 -2.22 7.03
N THR A 61 -21.95 -2.47 8.15
CA THR A 61 -21.54 -3.56 9.03
C THR A 61 -22.16 -4.91 8.69
N SER A 62 -23.22 -4.95 7.89
CA SER A 62 -23.85 -6.22 7.51
C SER A 62 -23.42 -6.71 6.13
N ASN A 63 -22.62 -5.94 5.39
CA ASN A 63 -22.15 -6.34 4.08
C ASN A 63 -20.63 -6.27 4.05
N VAL A 64 -20.02 -7.19 3.29
CA VAL A 64 -18.58 -7.16 3.06
C VAL A 64 -18.24 -6.78 1.62
N ALA A 65 -19.19 -6.92 0.70
CA ALA A 65 -19.07 -6.36 -0.64
C ALA A 65 -20.10 -5.25 -0.76
N TYR A 66 -19.71 -4.13 -1.36
CA TYR A 66 -20.60 -2.99 -1.55
C TYR A 66 -20.73 -2.73 -3.04
N GLY A 67 -21.95 -2.87 -3.56
CA GLY A 67 -22.06 -2.79 -5.00
C GLY A 67 -21.23 -3.87 -5.68
N SER A 68 -20.73 -3.55 -6.86
CA SER A 68 -19.94 -4.51 -7.61
C SER A 68 -18.43 -4.38 -7.41
N THR A 69 -17.97 -3.28 -6.81
CA THR A 69 -16.54 -3.05 -6.71
C THR A 69 -16.03 -2.62 -5.34
N GLY A 70 -16.91 -2.40 -4.36
CA GLY A 70 -16.46 -2.06 -3.02
C GLY A 70 -16.25 -3.29 -2.18
N ILE A 71 -15.21 -3.26 -1.33
CA ILE A 71 -14.84 -4.39 -0.49
C ILE A 71 -14.49 -3.89 0.91
N ARG A 72 -14.99 -4.56 1.93
CA ARG A 72 -14.51 -4.38 3.30
C ARG A 72 -13.47 -5.44 3.63
N ASP A 73 -12.29 -5.00 4.05
CA ASP A 73 -11.21 -5.91 4.44
C ASP A 73 -11.40 -6.31 5.90
N VAL A 74 -12.29 -7.30 6.10
CA VAL A 74 -12.72 -7.67 7.45
C VAL A 74 -11.54 -8.12 8.32
N HIS A 75 -10.54 -8.77 7.73
CA HIS A 75 -9.43 -9.27 8.52
C HIS A 75 -8.62 -8.15 9.16
N LEU A 76 -8.71 -6.93 8.63
CA LEU A 76 -7.95 -5.80 9.17
C LEU A 76 -8.67 -5.05 10.28
N GLU A 77 -9.92 -5.38 10.58
CA GLU A 77 -10.71 -4.63 11.54
C GLU A 77 -10.00 -4.54 12.88
N LEU A 78 -9.97 -3.33 13.44
CA LEU A 78 -9.51 -3.13 14.82
C LEU A 78 -10.74 -3.15 15.71
N LYS A 79 -10.78 -4.07 16.66
CA LYS A 79 -11.95 -4.24 17.49
C LYS A 79 -11.76 -3.58 18.85
N ASP A 80 -12.83 -2.95 19.33
CA ASP A 80 -12.87 -2.34 20.66
C ASP A 80 -11.73 -1.32 20.82
N LEU A 81 -11.61 -0.44 19.84
CA LEU A 81 -10.66 0.67 19.87
C LEU A 81 -11.32 1.86 20.55
N THR A 82 -10.55 2.57 21.37
CA THR A 82 -11.02 3.81 21.97
C THR A 82 -10.52 4.96 21.10
N LEU A 83 -11.46 5.74 20.56
CA LEU A 83 -11.14 6.84 19.66
C LEU A 83 -12.04 8.00 20.00
N PHE A 84 -11.45 9.17 20.22
CA PHE A 84 -12.19 10.38 20.57
C PHE A 84 -13.12 10.16 21.76
N GLY A 85 -12.65 9.37 22.73
CA GLY A 85 -13.41 9.13 23.94
C GLY A 85 -14.58 8.17 23.79
N ARG A 86 -14.68 7.47 22.67
CA ARG A 86 -15.71 6.46 22.46
C ARG A 86 -15.05 5.13 22.13
N ARG A 87 -15.76 4.05 22.42
CA ARG A 87 -15.30 2.72 22.03
C ARG A 87 -16.01 2.28 20.76
N GLY A 88 -15.26 1.62 19.89
CA GLY A 88 -15.86 1.15 18.66
C GLY A 88 -14.91 0.27 17.89
N ASN A 89 -15.35 -0.09 16.68
CA ASN A 89 -14.55 -0.89 15.77
C ASN A 89 -14.12 -0.02 14.60
N LEU A 90 -12.87 -0.17 14.19
CA LEU A 90 -12.35 0.56 13.04
C LEU A 90 -12.34 -0.36 11.83
N HIS A 91 -13.09 0.02 10.79
CA HIS A 91 -13.25 -0.77 9.58
C HIS A 91 -12.45 -0.18 8.43
N PHE A 92 -12.03 -1.03 7.49
CA PHE A 92 -11.20 -0.63 6.37
C PHE A 92 -11.87 -1.06 5.08
N ILE A 93 -12.17 -0.10 4.21
CA ILE A 93 -12.98 -0.32 3.02
C ILE A 93 -12.27 0.28 1.81
N ARG A 94 -12.35 -0.38 0.65
CA ARG A 94 -11.70 0.14 -0.54
C ARG A 94 -12.58 -0.07 -1.77
N PHE A 95 -12.44 0.85 -2.74
CA PHE A 95 -13.11 0.72 -4.03
C PHE A 95 -12.33 1.53 -5.06
N PRO A 96 -12.53 1.26 -6.34
CA PRO A 96 -11.76 1.98 -7.37
C PRO A 96 -12.15 3.44 -7.45
N THR A 97 -11.14 4.29 -7.63
CA THR A 97 -11.41 5.72 -7.81
C THR A 97 -12.33 5.96 -9.00
N GLN A 98 -12.23 5.09 -10.03
CA GLN A 98 -13.14 5.15 -11.18
C GLN A 98 -14.60 5.13 -10.75
N ASP A 99 -14.92 4.49 -9.63
CA ASP A 99 -16.29 4.35 -9.16
C ASP A 99 -16.67 5.41 -8.13
N LEU A 100 -15.83 6.40 -7.88
CA LEU A 100 -16.21 7.48 -6.97
C LEU A 100 -17.51 8.16 -7.38
N PRO A 101 -17.84 8.35 -8.67
CA PRO A 101 -19.18 8.90 -8.99
C PRO A 101 -20.33 8.10 -8.40
N THR A 102 -20.25 6.77 -8.41
CA THR A 102 -21.26 5.96 -7.74
C THR A 102 -21.33 6.28 -6.25
N PHE A 103 -20.17 6.36 -5.60
CA PHE A 103 -20.13 6.68 -4.18
C PHE A 103 -20.80 8.01 -3.90
N ILE A 104 -20.48 9.03 -4.70
CA ILE A 104 -21.04 10.36 -4.46
C ILE A 104 -22.54 10.37 -4.74
N GLN A 105 -22.98 9.62 -5.75
CA GLN A 105 -24.41 9.54 -6.05
C GLN A 105 -25.18 8.86 -4.92
N MET A 106 -24.60 7.81 -4.32
CA MET A 106 -25.22 7.21 -3.14
C MET A 106 -25.31 8.21 -2.00
N GLY A 107 -24.29 9.05 -1.82
CA GLY A 107 -24.33 10.05 -0.79
C GLY A 107 -25.42 11.09 -0.99
N ARG A 108 -25.72 11.42 -2.24
CA ARG A 108 -26.74 12.42 -2.52
C ARG A 108 -28.15 11.87 -2.41
N ASP A 109 -28.34 10.58 -2.65
CA ASP A 109 -29.68 10.00 -2.63
C ASP A 109 -29.98 9.34 -1.29
N THR A 117 -22.56 15.90 7.58
CA THR A 117 -21.35 15.13 7.76
C THR A 117 -20.12 15.97 7.41
N VAL A 118 -19.05 15.79 8.17
CA VAL A 118 -17.78 16.45 7.91
C VAL A 118 -16.83 15.38 7.38
N LEU A 119 -16.28 15.61 6.18
CA LEU A 119 -15.47 14.60 5.52
C LEU A 119 -14.02 15.08 5.51
N CYS A 120 -13.19 14.41 6.29
CA CYS A 120 -11.75 14.60 6.22
C CYS A 120 -11.21 13.70 5.13
N ALA A 121 -10.57 14.31 4.11
CA ALA A 121 -10.16 13.61 2.91
C ALA A 121 -8.74 13.99 2.54
N THR A 122 -7.99 13.01 2.06
CA THR A 122 -6.62 13.23 1.62
C THR A 122 -6.43 12.50 0.30
N GLY A 123 -5.18 12.48 -0.19
CA GLY A 123 -4.89 12.00 -1.52
C GLY A 123 -5.16 13.07 -2.58
N GLY A 124 -4.61 12.83 -3.79
CA GLY A 124 -4.83 13.77 -4.89
C GLY A 124 -6.30 14.01 -5.18
N GLY A 125 -7.13 12.98 -5.01
CA GLY A 125 -8.54 13.12 -5.30
C GLY A 125 -9.29 14.04 -4.37
N ALA A 126 -8.76 14.32 -3.18
CA ALA A 126 -9.40 15.32 -2.32
C ALA A 126 -9.40 16.68 -2.99
N TYR A 127 -8.36 16.97 -3.78
CA TYR A 127 -8.33 18.20 -4.57
C TYR A 127 -9.08 18.03 -5.88
N LYS A 128 -8.78 16.97 -6.63
CA LYS A 128 -9.37 16.81 -7.95
C LYS A 128 -10.90 16.77 -7.88
N PHE A 129 -11.46 16.10 -6.86
CA PHE A 129 -12.89 15.89 -6.80
C PHE A 129 -13.56 16.74 -5.73
N GLU A 130 -12.89 17.81 -5.29
CA GLU A 130 -13.45 18.66 -4.25
C GLU A 130 -14.83 19.19 -4.66
N LYS A 131 -14.98 19.65 -5.91
CA LYS A 131 -16.25 20.20 -6.33
C LYS A 131 -17.33 19.13 -6.37
N ASP A 132 -16.95 17.88 -6.62
CA ASP A 132 -17.93 16.81 -6.67
C ASP A 132 -18.44 16.46 -5.28
N PHE A 133 -17.56 16.42 -4.28
CA PHE A 133 -18.04 16.18 -2.92
C PHE A 133 -18.98 17.29 -2.48
N ARG A 134 -18.77 18.52 -2.97
CA ARG A 134 -19.63 19.60 -2.53
C ARG A 134 -21.01 19.58 -3.16
N THR A 135 -21.27 18.66 -4.10
CA THR A 135 -22.64 18.47 -4.57
C THR A 135 -23.51 17.80 -3.52
N ILE A 136 -22.92 17.25 -2.47
CA ILE A 136 -23.67 16.71 -1.35
C ILE A 136 -23.97 17.88 -0.41
N GLY A 137 -25.24 18.22 -0.28
CA GLY A 137 -25.68 19.40 0.45
C GLY A 137 -25.09 19.56 1.83
N ASN A 138 -24.59 20.77 2.12
CA ASN A 138 -24.09 21.16 3.43
C ASN A 138 -22.86 20.36 3.86
N LEU A 139 -22.40 19.42 3.03
CA LEU A 139 -21.25 18.61 3.40
C LEU A 139 -20.00 19.48 3.48
N HIS A 140 -19.23 19.31 4.54
CA HIS A 140 -17.99 20.05 4.74
C HIS A 140 -16.82 19.13 4.41
N LEU A 141 -16.08 19.49 3.36
CA LEU A 141 -14.90 18.74 2.94
C LEU A 141 -13.65 19.45 3.48
N HIS A 142 -12.82 18.72 4.22
CA HIS A 142 -11.58 19.25 4.76
C HIS A 142 -10.43 18.47 4.14
N LYS A 143 -9.66 19.15 3.28
CA LYS A 143 -8.56 18.49 2.59
C LYS A 143 -7.31 18.48 3.47
N LEU A 144 -6.72 17.31 3.64
CA LEU A 144 -5.52 17.12 4.44
C LEU A 144 -4.42 16.54 3.56
N ASP A 145 -3.15 16.81 3.91
CA ASP A 145 -2.07 16.43 3.02
C ASP A 145 -1.85 14.92 3.01
N GLU A 146 -1.57 14.39 1.81
CA GLU A 146 -1.43 12.96 1.59
C GLU A 146 -0.37 12.35 2.48
N LEU A 147 0.80 12.97 2.54
CA LEU A 147 1.90 12.37 3.28
C LEU A 147 1.86 12.69 4.77
N ASP A 148 1.28 13.83 5.17
CA ASP A 148 1.01 14.08 6.59
CA ASP A 148 1.02 14.07 6.59
C ASP A 148 0.07 13.04 7.17
N CYS A 149 -1.01 12.72 6.45
CA CYS A 149 -1.96 11.72 6.92
C CYS A 149 -1.32 10.35 6.99
N LEU A 150 -0.46 10.03 6.02
CA LEU A 150 0.23 8.74 6.01
C LEU A 150 1.07 8.56 7.26
N VAL A 151 1.88 9.56 7.60
CA VAL A 151 2.76 9.46 8.77
C VAL A 151 1.93 9.33 10.06
N LYS A 152 0.89 10.17 10.20
CA LYS A 152 0.06 10.13 11.40
C LYS A 152 -0.68 8.81 11.54
N GLY A 153 -1.18 8.29 10.42
CA GLY A 153 -1.94 7.04 10.48
C GLY A 153 -1.04 5.84 10.77
N LEU A 154 0.15 5.82 10.17
CA LEU A 154 1.11 4.76 10.43
C LEU A 154 1.51 4.72 11.90
N LEU A 155 1.88 5.87 12.46
CA LEU A 155 2.29 5.92 13.86
C LEU A 155 1.14 5.54 14.78
N TYR A 156 -0.08 5.95 14.45
CA TYR A 156 -1.23 5.65 15.28
C TYR A 156 -1.53 4.15 15.31
N ILE A 157 -1.60 3.52 14.13
CA ILE A 157 -1.96 2.11 14.10
C ILE A 157 -0.88 1.28 14.79
N ASP A 158 0.39 1.59 14.57
CA ASP A 158 1.41 0.85 15.29
C ASP A 158 1.27 1.05 16.80
N SER A 159 0.88 2.25 17.23
CA SER A 159 0.78 2.55 18.65
C SER A 159 -0.34 1.76 19.32
N VAL A 160 -1.48 1.60 18.64
CA VAL A 160 -2.60 0.89 19.27
C VAL A 160 -2.51 -0.62 19.12
N SER A 161 -1.63 -1.12 18.24
CA SER A 161 -1.43 -2.52 17.91
C SER A 161 -2.55 -3.06 17.02
N PHE A 162 -2.32 -4.23 16.44
CA PHE A 162 -3.29 -4.91 15.59
C PHE A 162 -4.00 -5.95 16.47
N ASN A 163 -4.98 -5.48 17.24
CA ASN A 163 -5.71 -6.33 18.17
C ASN A 163 -4.75 -7.12 19.07
N GLY A 164 -3.73 -6.45 19.57
CA GLY A 164 -2.77 -7.03 20.50
C GLY A 164 -1.55 -7.63 19.84
N GLN A 165 -1.57 -7.82 18.54
CA GLN A 165 -0.44 -8.32 17.76
C GLN A 165 0.33 -7.16 17.13
N ALA A 166 1.55 -7.44 16.72
CA ALA A 166 2.36 -6.43 16.06
C ALA A 166 1.75 -6.00 14.75
N GLU A 167 1.74 -4.68 14.53
CA GLU A 167 1.39 -4.14 13.21
C GLU A 167 2.53 -4.30 12.20
N CYS A 168 3.77 -4.31 12.66
CA CYS A 168 4.95 -4.32 11.80
C CYS A 168 5.60 -5.69 11.80
N TYR A 169 6.05 -6.13 10.62
CA TYR A 169 6.70 -7.43 10.50
C TYR A 169 7.83 -7.35 9.48
N TYR A 170 8.70 -8.37 9.54
CA TYR A 170 9.78 -8.51 8.59
C TYR A 170 9.86 -9.98 8.18
N PHE A 171 10.71 -10.28 7.21
CA PHE A 171 10.94 -11.67 6.83
C PHE A 171 12.30 -12.10 7.36
N ALA A 172 12.28 -12.96 8.39
CA ALA A 172 13.52 -13.45 8.97
C ALA A 172 14.20 -14.40 7.99
N ASN A 173 15.53 -14.32 7.93
CA ASN A 173 16.32 -15.20 7.07
C ASN A 173 15.82 -15.15 5.64
N ALA A 174 15.63 -13.93 5.15
CA ALA A 174 15.04 -13.72 3.83
C ALA A 174 15.88 -14.31 2.71
N SER A 175 17.14 -14.66 2.99
CA SER A 175 18.03 -15.20 1.97
C SER A 175 17.86 -16.70 1.77
N GLU A 176 17.35 -17.41 2.77
CA GLU A 176 17.24 -18.87 2.70
C GLU A 176 15.78 -19.29 2.65
N PRO A 177 15.30 -19.86 1.54
CA PRO A 177 13.85 -20.08 1.39
C PRO A 177 13.29 -21.09 2.39
N GLU A 178 14.08 -22.08 2.83
CA GLU A 178 13.57 -23.06 3.78
C GLU A 178 13.50 -22.51 5.21
N ARG A 179 14.08 -21.33 5.45
CA ARG A 179 14.01 -20.66 6.74
C ARG A 179 13.15 -19.41 6.73
N CYS A 180 12.95 -18.81 5.57
CA CYS A 180 12.34 -17.47 5.49
C CYS A 180 10.93 -17.49 6.04
N GLN A 181 10.67 -16.61 7.02
CA GLN A 181 9.35 -16.58 7.65
C GLN A 181 9.03 -15.19 8.17
N LYS A 182 7.74 -14.86 8.09
CA LYS A 182 7.22 -13.62 8.65
C LYS A 182 7.38 -13.59 10.17
N MET A 183 7.92 -12.48 10.70
CA MET A 183 8.16 -12.33 12.14
C MET A 183 7.83 -10.91 12.59
N PRO A 184 7.34 -10.73 13.83
CA PRO A 184 6.98 -9.38 14.30
C PRO A 184 8.22 -8.50 14.54
N PHE A 185 8.03 -7.19 14.35
CA PHE A 185 9.10 -6.20 14.54
C PHE A 185 8.59 -5.04 15.39
N ASN A 186 9.38 -4.66 16.41
CA ASN A 186 8.97 -3.61 17.33
C ASN A 186 9.34 -2.21 16.81
N LEU A 187 8.35 -1.33 16.76
CA LEU A 187 8.52 0.07 16.37
C LEU A 187 8.18 1.03 17.52
N ASP A 188 8.50 0.64 18.76
CA ASP A 188 8.14 1.50 19.89
C ASP A 188 8.88 2.82 19.85
N ASP A 189 10.14 2.83 19.38
CA ASP A 189 10.82 4.07 19.02
C ASP A 189 11.01 4.01 17.51
N PRO A 190 10.08 4.58 16.73
CA PRO A 190 10.11 4.39 15.28
C PRO A 190 11.06 5.33 14.54
N TYR A 191 11.76 6.23 15.25
CA TYR A 191 12.53 7.17 14.46
C TYR A 191 14.01 6.85 14.52
N PRO A 192 14.76 7.08 13.42
CA PRO A 192 14.21 7.53 12.14
C PRO A 192 13.69 6.37 11.30
N LEU A 193 12.90 6.68 10.27
CA LEU A 193 12.25 5.66 9.47
C LEU A 193 12.19 6.16 8.04
N LEU A 194 12.53 5.30 7.08
CA LEU A 194 12.29 5.57 5.67
C LEU A 194 11.01 4.85 5.25
N VAL A 195 10.03 5.60 4.78
CA VAL A 195 8.72 5.05 4.40
C VAL A 195 8.64 5.09 2.87
N VAL A 196 8.44 3.93 2.26
CA VAL A 196 8.35 3.80 0.81
C VAL A 196 6.91 3.46 0.47
N ASN A 197 6.19 4.44 -0.09
CA ASN A 197 4.76 4.32 -0.35
C ASN A 197 4.58 3.92 -1.81
N ILE A 198 4.26 2.65 -2.04
CA ILE A 198 4.11 2.10 -3.40
C ILE A 198 2.62 2.09 -3.74
N GLY A 199 2.17 3.16 -4.40
CA GLY A 199 0.82 3.23 -4.94
C GLY A 199 0.87 3.15 -6.46
N SER A 200 0.19 4.06 -7.14
CA SER A 200 0.31 4.17 -8.58
C SER A 200 1.77 4.40 -8.98
N GLY A 201 2.41 5.34 -8.29
CA GLY A 201 3.85 5.56 -8.39
C GLY A 201 4.41 5.38 -7.00
N VAL A 202 5.61 5.86 -6.73
CA VAL A 202 6.27 5.65 -5.45
C VAL A 202 6.67 6.99 -4.85
N SER A 203 6.30 7.23 -3.58
CA SER A 203 6.84 8.33 -2.81
C SER A 203 7.73 7.78 -1.71
N ILE A 204 8.86 8.45 -1.47
CA ILE A 204 9.80 8.03 -0.43
C ILE A 204 9.91 9.14 0.60
N LEU A 205 9.60 8.80 1.86
CA LEU A 205 9.60 9.76 2.95
C LEU A 205 10.68 9.41 3.95
N ALA A 206 11.29 10.44 4.52
CA ALA A 206 12.22 10.29 5.65
C ALA A 206 11.53 10.88 6.88
N VAL A 207 11.30 10.05 7.89
CA VAL A 207 10.57 10.46 9.09
C VAL A 207 11.58 10.50 10.23
N HIS A 208 11.83 11.70 10.77
CA HIS A 208 12.79 11.86 11.86
C HIS A 208 12.13 11.98 13.23
N SER A 209 10.89 12.45 13.28
CA SER A 209 10.13 12.54 14.52
C SER A 209 8.65 12.58 14.15
N LYS A 210 7.80 12.66 15.18
CA LYS A 210 6.36 12.73 14.94
C LYS A 210 5.98 13.97 14.14
N ASP A 211 6.77 15.04 14.20
CA ASP A 211 6.47 16.30 13.52
C ASP A 211 7.58 16.74 12.57
N ASN A 212 8.50 15.85 12.21
CA ASN A 212 9.65 16.21 11.39
C ASN A 212 9.85 15.11 10.34
N TYR A 213 9.35 15.38 9.13
CA TYR A 213 9.43 14.41 8.06
C TYR A 213 9.44 15.16 6.75
N LYS A 214 9.97 14.51 5.72
CA LYS A 214 10.10 15.15 4.42
C LYS A 214 9.93 14.09 3.34
N ARG A 215 9.54 14.54 2.16
CA ARG A 215 9.50 13.65 1.00
C ARG A 215 10.87 13.72 0.33
N VAL A 216 11.60 12.60 0.35
CA VAL A 216 12.97 12.57 -0.16
C VAL A 216 12.97 12.67 -1.67
N THR A 217 12.15 11.84 -2.31
CA THR A 217 12.03 11.79 -3.76
C THR A 217 10.87 10.85 -4.08
N GLY A 218 10.75 10.48 -5.34
CA GLY A 218 9.75 9.52 -5.76
C GLY A 218 10.23 8.89 -7.05
N THR A 219 9.54 7.85 -7.47
CA THR A 219 9.75 7.27 -8.79
C THR A 219 8.40 7.02 -9.43
N SER A 220 8.38 7.12 -10.75
CA SER A 220 7.14 6.85 -11.45
CA SER A 220 7.19 6.87 -11.54
C SER A 220 6.98 5.38 -11.81
N LEU A 221 7.92 4.52 -11.43
CA LEU A 221 7.82 3.09 -11.71
C LEU A 221 7.21 2.43 -10.48
N GLY A 222 5.89 2.40 -10.42
CA GLY A 222 5.20 1.89 -9.24
C GLY A 222 4.16 0.85 -9.60
N GLY A 223 3.12 0.78 -8.75
CA GLY A 223 2.11 -0.24 -8.94
C GLY A 223 1.32 -0.07 -10.21
N GLY A 224 1.15 1.17 -10.68
CA GLY A 224 0.43 1.40 -11.93
C GLY A 224 1.25 0.98 -13.13
N THR A 225 2.58 1.07 -13.02
CA THR A 225 3.44 0.54 -14.07
C THR A 225 3.33 -0.97 -14.14
N PHE A 226 3.37 -1.64 -12.98
CA PHE A 226 3.17 -3.08 -13.00
C PHE A 226 1.85 -3.45 -13.65
N LEU A 227 0.75 -2.84 -13.19
CA LEU A 227 -0.56 -3.22 -13.69
C LEU A 227 -0.74 -2.82 -15.16
N GLY A 228 -0.29 -1.63 -15.52
CA GLY A 228 -0.45 -1.16 -16.89
C GLY A 228 0.38 -1.96 -17.88
N LEU A 229 1.66 -2.17 -17.56
CA LEU A 229 2.50 -2.97 -18.47
C LEU A 229 2.03 -4.40 -18.54
N CYS A 230 1.67 -4.98 -17.39
CA CYS A 230 1.18 -6.35 -17.40
C CYS A 230 -0.04 -6.48 -18.29
N SER A 231 -0.99 -5.54 -18.17
CA SER A 231 -2.19 -5.59 -18.99
C SER A 231 -1.86 -5.49 -20.47
N LEU A 232 -0.93 -4.59 -20.84
CA LEU A 232 -0.54 -4.48 -22.23
C LEU A 232 0.13 -5.75 -22.75
N LEU A 233 0.98 -6.36 -21.91
CA LEU A 233 1.81 -7.46 -22.37
C LEU A 233 1.08 -8.80 -22.34
N THR A 234 0.12 -8.99 -21.41
CA THR A 234 -0.50 -10.28 -21.19
C THR A 234 -2.01 -10.29 -21.40
N GLY A 235 -2.67 -9.13 -21.43
CA GLY A 235 -4.11 -9.12 -21.53
C GLY A 235 -4.84 -9.40 -20.23
N CYS A 236 -4.13 -9.46 -19.11
CA CYS A 236 -4.79 -9.61 -17.82
C CYS A 236 -5.74 -8.44 -17.59
N GLU A 237 -6.80 -8.67 -16.83
CA GLU A 237 -7.75 -7.59 -16.59
C GLU A 237 -8.03 -7.37 -15.11
N SER A 238 -7.10 -7.79 -14.25
CA SER A 238 -7.14 -7.38 -12.84
C SER A 238 -5.75 -7.52 -12.26
N PHE A 239 -5.52 -6.76 -11.18
CA PHE A 239 -4.30 -6.90 -10.38
C PHE A 239 -4.11 -8.33 -9.92
N GLU A 240 -5.19 -8.95 -9.42
CA GLU A 240 -5.07 -10.31 -8.91
C GLU A 240 -4.70 -11.29 -10.02
N GLU A 241 -5.28 -11.11 -11.21
CA GLU A 241 -4.90 -11.96 -12.34
C GLU A 241 -3.43 -11.77 -12.72
N ALA A 242 -2.94 -10.53 -12.69
CA ALA A 242 -1.53 -10.28 -13.01
C ALA A 242 -0.61 -11.01 -12.05
N LEU A 243 -0.93 -10.97 -10.74
CA LEU A 243 -0.12 -11.68 -9.76
C LEU A 243 -0.19 -13.20 -9.95
N GLU A 244 -1.37 -13.73 -10.28
CA GLU A 244 -1.50 -15.16 -10.53
C GLU A 244 -0.64 -15.59 -11.71
N MET A 245 -0.68 -14.82 -12.80
CA MET A 245 0.20 -15.09 -13.93
C MET A 245 1.66 -15.05 -13.52
N ALA A 246 2.03 -14.00 -12.78
CA ALA A 246 3.43 -13.83 -12.38
C ALA A 246 3.90 -14.99 -11.51
N SER A 247 3.01 -15.52 -10.65
CA SER A 247 3.40 -16.65 -9.80
C SER A 247 3.77 -17.89 -10.60
N LYS A 248 3.31 -18.00 -11.85
CA LYS A 248 3.57 -19.17 -12.69
C LYS A 248 4.72 -18.95 -13.67
N GLY A 249 5.26 -17.73 -13.76
CA GLY A 249 6.22 -17.39 -14.79
C GLY A 249 7.67 -17.51 -14.35
N ASP A 250 8.55 -17.39 -15.33
CA ASP A 250 10.01 -17.41 -15.14
C ASP A 250 10.54 -16.11 -15.74
N SER A 251 10.90 -15.15 -14.89
CA SER A 251 11.35 -13.86 -15.40
C SER A 251 12.63 -13.98 -16.22
N THR A 252 13.41 -15.03 -16.02
CA THR A 252 14.69 -15.13 -16.73
C THR A 252 14.50 -15.46 -18.20
N GLN A 253 13.28 -15.84 -18.62
CA GLN A 253 13.00 -15.99 -20.03
C GLN A 253 12.97 -14.65 -20.75
N ALA A 254 12.64 -13.56 -20.05
CA ALA A 254 12.59 -12.24 -20.65
C ALA A 254 13.81 -11.38 -20.32
N ASP A 255 14.34 -11.54 -19.11
CA ASP A 255 15.47 -10.75 -18.64
C ASP A 255 16.79 -11.32 -19.10
N LYS A 256 17.76 -10.43 -19.36
CA LYS A 256 19.14 -10.81 -19.61
C LYS A 256 19.89 -10.72 -18.28
N LEU A 257 20.50 -11.83 -17.87
CA LEU A 257 21.19 -11.90 -16.60
C LEU A 257 22.69 -11.63 -16.79
N VAL A 258 23.35 -11.34 -15.67
CA VAL A 258 24.82 -11.17 -15.72
C VAL A 258 25.48 -12.37 -16.39
N ARG A 259 25.04 -13.58 -16.06
CA ARG A 259 25.65 -14.76 -16.64
C ARG A 259 25.40 -14.87 -18.15
N ASP A 260 24.35 -14.24 -18.67
CA ASP A 260 24.14 -14.22 -20.13
C ASP A 260 25.16 -13.35 -20.85
N ILE A 261 25.77 -12.39 -20.15
CA ILE A 261 26.72 -11.47 -20.74
C ILE A 261 28.15 -11.92 -20.50
N TYR A 262 28.43 -12.37 -19.27
CA TYR A 262 29.77 -12.77 -18.83
C TYR A 262 30.01 -14.27 -18.91
N GLY A 263 28.95 -15.08 -18.97
CA GLY A 263 29.11 -16.51 -18.83
C GLY A 263 29.19 -17.00 -17.40
N GLY A 264 29.00 -16.10 -16.44
CA GLY A 264 29.12 -16.44 -15.03
C GLY A 264 29.00 -15.17 -14.21
N ASP A 265 29.61 -15.19 -13.02
CA ASP A 265 29.63 -13.98 -12.21
C ASP A 265 30.53 -12.92 -12.86
N TYR A 266 30.27 -11.66 -12.50
CA TYR A 266 31.20 -10.56 -12.77
C TYR A 266 31.94 -10.37 -11.45
N GLU A 267 33.03 -11.12 -11.27
CA GLU A 267 33.68 -11.23 -9.96
C GLU A 267 34.21 -9.89 -9.49
N ARG A 268 34.84 -9.12 -10.40
CA ARG A 268 35.53 -7.90 -10.04
C ARG A 268 34.64 -6.95 -9.23
N PHE A 269 33.34 -6.90 -9.55
CA PHE A 269 32.43 -6.00 -8.85
C PHE A 269 31.40 -6.75 -8.03
N GLY A 270 31.66 -8.01 -7.70
CA GLY A 270 30.78 -8.76 -6.83
C GLY A 270 29.36 -8.86 -7.35
N LEU A 271 29.20 -9.00 -8.67
CA LEU A 271 27.86 -9.17 -9.24
C LEU A 271 27.62 -10.65 -9.49
N PRO A 272 26.60 -11.26 -8.88
CA PRO A 272 26.36 -12.68 -9.12
C PRO A 272 25.78 -12.91 -10.50
N GLY A 273 26.03 -14.10 -11.05
CA GLY A 273 25.52 -14.41 -12.37
C GLY A 273 24.02 -14.36 -12.49
N TRP A 274 23.30 -14.54 -11.38
CA TRP A 274 21.83 -14.54 -11.38
C TRP A 274 21.24 -13.14 -11.36
N ALA A 275 22.05 -12.11 -11.12
CA ALA A 275 21.52 -10.77 -11.08
C ALA A 275 21.04 -10.35 -12.47
N VAL A 276 19.98 -9.55 -12.51
CA VAL A 276 19.47 -9.04 -13.78
C VAL A 276 20.37 -7.92 -14.25
N ALA A 277 20.96 -8.10 -15.44
CA ALA A 277 21.76 -7.07 -16.08
C ALA A 277 20.89 -6.14 -16.92
N SER A 278 19.88 -6.69 -17.60
CA SER A 278 19.00 -5.88 -18.45
C SER A 278 17.58 -6.45 -18.36
N SER A 279 16.68 -5.71 -17.71
CA SER A 279 15.28 -6.11 -17.64
C SER A 279 14.66 -6.14 -19.05
N PHE A 280 13.96 -7.23 -19.37
CA PHE A 280 13.40 -7.47 -20.69
C PHE A 280 14.47 -7.51 -21.78
N GLY A 281 15.74 -7.64 -21.41
CA GLY A 281 16.82 -7.52 -22.37
C GLY A 281 16.94 -8.69 -23.33
N ASN A 282 16.38 -9.85 -22.97
CA ASN A 282 16.35 -10.93 -23.95
C ASN A 282 15.22 -10.76 -24.96
N MET A 283 14.36 -9.76 -24.77
CA MET A 283 13.27 -9.52 -25.72
C MET A 283 13.71 -8.70 -26.91
N ILE A 284 15.01 -8.38 -27.04
CA ILE A 284 15.49 -7.80 -28.29
C ILE A 284 15.64 -8.83 -29.39
N TYR A 285 15.52 -10.12 -29.08
CA TYR A 285 15.66 -11.18 -30.06
C TYR A 285 14.29 -11.68 -30.46
N LYS A 286 14.00 -11.67 -31.77
CA LYS A 286 12.65 -12.00 -32.21
C LYS A 286 12.26 -13.41 -31.84
N GLU A 287 13.19 -14.37 -31.97
CA GLU A 287 12.86 -15.74 -31.63
C GLU A 287 12.51 -15.88 -30.15
N LYS A 288 13.12 -15.07 -29.28
CA LYS A 288 12.78 -15.16 -27.86
C LYS A 288 11.42 -14.53 -27.57
N ARG A 289 11.08 -13.42 -28.26
CA ARG A 289 9.75 -12.85 -28.09
C ARG A 289 8.67 -13.84 -28.51
N GLU A 290 8.97 -14.68 -29.49
CA GLU A 290 7.98 -15.64 -29.99
C GLU A 290 7.81 -16.84 -29.07
N SER A 291 8.76 -17.10 -28.17
CA SER A 291 8.66 -18.26 -27.29
C SER A 291 8.25 -17.90 -25.87
N VAL A 292 8.36 -16.64 -25.47
CA VAL A 292 8.08 -16.25 -24.10
C VAL A 292 6.58 -16.39 -23.84
N SER A 293 6.23 -16.81 -22.63
CA SER A 293 4.84 -16.94 -22.24
C SER A 293 4.34 -15.66 -21.58
N LYS A 294 3.01 -15.51 -21.54
CA LYS A 294 2.41 -14.39 -20.81
C LYS A 294 2.82 -14.43 -19.35
N GLU A 295 2.88 -15.61 -18.75
CA GLU A 295 3.26 -15.73 -17.35
C GLU A 295 4.69 -15.26 -17.13
N ASP A 296 5.62 -15.63 -18.04
CA ASP A 296 6.98 -15.12 -17.97
C ASP A 296 7.02 -13.59 -18.02
N LEU A 297 6.22 -13.00 -18.91
CA LEU A 297 6.22 -11.54 -19.03
C LEU A 297 5.64 -10.88 -17.79
N ALA A 298 4.58 -11.48 -17.22
CA ALA A 298 4.04 -10.93 -15.98
C ALA A 298 5.07 -10.98 -14.87
N ARG A 299 5.78 -12.10 -14.74
CA ARG A 299 6.77 -12.19 -13.68
C ARG A 299 7.94 -11.25 -13.94
N ALA A 300 8.37 -11.09 -15.20
CA ALA A 300 9.43 -10.13 -15.48
C ALA A 300 8.98 -8.70 -15.15
N THR A 301 7.71 -8.37 -15.42
CA THR A 301 7.23 -7.04 -15.07
C THR A 301 7.29 -6.83 -13.56
N LEU A 302 6.83 -7.83 -12.80
CA LEU A 302 6.83 -7.73 -11.34
C LEU A 302 8.25 -7.59 -10.80
N VAL A 303 9.17 -8.43 -11.29
CA VAL A 303 10.56 -8.40 -10.82
C VAL A 303 11.21 -7.05 -11.16
N THR A 304 11.00 -6.57 -12.37
CA THR A 304 11.58 -5.30 -12.81
C THR A 304 11.15 -4.15 -11.91
N ILE A 305 9.84 -4.05 -11.67
CA ILE A 305 9.32 -2.94 -10.86
C ILE A 305 9.78 -3.08 -9.42
N THR A 306 9.69 -4.30 -8.86
CA THR A 306 10.04 -4.50 -7.46
C THR A 306 11.52 -4.25 -7.21
N ASN A 307 12.40 -4.78 -8.07
CA ASN A 307 13.82 -4.52 -7.89
C ASN A 307 14.16 -3.03 -8.00
N ASN A 308 13.50 -2.31 -8.91
CA ASN A 308 13.80 -0.88 -9.04
C ASN A 308 13.37 -0.13 -7.80
N ILE A 309 12.21 -0.48 -7.23
CA ILE A 309 11.75 0.14 -5.99
C ILE A 309 12.74 -0.13 -4.86
N GLY A 310 13.20 -1.38 -4.74
CA GLY A 310 14.15 -1.69 -3.69
C GLY A 310 15.45 -0.95 -3.86
N SER A 311 15.93 -0.83 -5.11
CA SER A 311 17.18 -0.15 -5.36
C SER A 311 17.09 1.34 -5.03
N VAL A 312 15.98 1.98 -5.43
CA VAL A 312 15.80 3.39 -5.10
C VAL A 312 15.68 3.58 -3.59
N ALA A 313 14.98 2.67 -2.92
CA ALA A 313 14.90 2.76 -1.46
C ALA A 313 16.27 2.61 -0.83
N ARG A 314 17.09 1.67 -1.34
CA ARG A 314 18.43 1.48 -0.81
C ARG A 314 19.26 2.76 -0.95
N MET A 315 19.23 3.39 -2.13
CA MET A 315 19.99 4.60 -2.34
C MET A 315 19.51 5.74 -1.45
N CYS A 316 18.19 5.86 -1.26
CA CYS A 316 17.66 6.89 -0.37
C CYS A 316 18.02 6.62 1.08
N ALA A 317 17.93 5.36 1.51
CA ALA A 317 18.31 5.02 2.88
C ALA A 317 19.78 5.37 3.15
N VAL A 318 20.65 5.11 2.17
CA VAL A 318 22.07 5.42 2.39
C VAL A 318 22.29 6.92 2.48
N ASN A 319 21.61 7.69 1.63
CA ASN A 319 21.77 9.13 1.66
C ASN A 319 21.15 9.74 2.91
N GLU A 320 20.03 9.20 3.39
CA GLU A 320 19.39 9.73 4.59
C GLU A 320 19.99 9.19 5.88
N LYS A 321 20.88 8.21 5.79
CA LYS A 321 21.50 7.58 6.96
C LYS A 321 20.43 6.95 7.84
N ILE A 322 19.54 6.18 7.19
CA ILE A 322 18.43 5.50 7.85
C ILE A 322 18.52 4.03 7.49
N ASN A 323 18.44 3.16 8.51
CA ASN A 323 18.63 1.73 8.29
C ASN A 323 17.34 0.92 8.28
N ARG A 324 16.21 1.50 8.69
CA ARG A 324 14.93 0.80 8.70
C ARG A 324 14.06 1.35 7.57
N VAL A 325 13.64 0.47 6.67
CA VAL A 325 12.89 0.87 5.47
C VAL A 325 11.56 0.15 5.51
N VAL A 326 10.46 0.89 5.68
CA VAL A 326 9.14 0.27 5.73
C VAL A 326 8.39 0.54 4.42
N PHE A 327 7.83 -0.51 3.84
CA PHE A 327 7.14 -0.45 2.57
C PHE A 327 5.64 -0.50 2.82
N VAL A 328 4.90 0.46 2.25
CA VAL A 328 3.44 0.53 2.39
C VAL A 328 2.83 0.73 1.00
N GLY A 329 1.50 0.81 0.96
CA GLY A 329 0.78 1.01 -0.28
C GLY A 329 0.23 -0.30 -0.85
N ASN A 330 -0.75 -0.19 -1.73
CA ASN A 330 -1.44 -1.41 -2.11
C ASN A 330 -0.77 -2.21 -3.22
N PHE A 331 0.36 -1.75 -3.77
CA PHE A 331 1.11 -2.65 -4.65
C PHE A 331 1.44 -3.95 -3.94
N LEU A 332 1.61 -3.93 -2.62
CA LEU A 332 2.00 -5.14 -1.91
C LEU A 332 0.82 -5.93 -1.33
N ARG A 333 -0.41 -5.45 -1.50
CA ARG A 333 -1.56 -6.23 -1.02
C ARG A 333 -1.61 -7.57 -1.76
N VAL A 334 -1.88 -8.64 -1.00
CA VAL A 334 -1.89 -10.03 -1.45
C VAL A 334 -0.73 -10.33 -2.41
N ASN A 335 0.44 -9.73 -2.16
CA ASN A 335 1.58 -9.80 -3.07
C ASN A 335 2.82 -10.25 -2.28
N THR A 336 2.81 -11.51 -1.85
CA THR A 336 3.96 -12.02 -1.10
CA THR A 336 3.95 -12.05 -1.11
C THR A 336 5.20 -12.11 -1.97
N LEU A 337 5.04 -12.33 -3.29
CA LEU A 337 6.19 -12.41 -4.18
C LEU A 337 7.03 -11.15 -4.09
N SER A 338 6.38 -9.99 -4.23
CA SER A 338 7.11 -8.72 -4.18
C SER A 338 7.66 -8.46 -2.78
N MET A 339 6.90 -8.81 -1.73
CA MET A 339 7.39 -8.59 -0.38
C MET A 339 8.66 -9.41 -0.13
N LYS A 340 8.64 -10.68 -0.51
CA LYS A 340 9.82 -11.52 -0.28
C LYS A 340 10.98 -11.08 -1.17
N LEU A 341 10.70 -10.61 -2.38
CA LEU A 341 11.76 -10.12 -3.24
C LEU A 341 12.41 -8.88 -2.63
N LEU A 342 11.59 -7.96 -2.10
CA LEU A 342 12.13 -6.78 -1.43
C LEU A 342 12.94 -7.18 -0.20
N ALA A 343 12.40 -8.09 0.61
CA ALA A 343 13.13 -8.51 1.81
C ALA A 343 14.49 -9.08 1.44
N TYR A 344 14.51 -9.96 0.44
CA TYR A 344 15.77 -10.59 0.04
C TYR A 344 16.72 -9.58 -0.58
N ALA A 345 16.21 -8.79 -1.54
CA ALA A 345 17.05 -7.89 -2.31
C ALA A 345 17.63 -6.79 -1.43
N LEU A 346 16.81 -6.22 -0.54
CA LEU A 346 17.32 -5.14 0.29
C LEU A 346 18.42 -5.63 1.20
N ASP A 347 18.22 -6.81 1.81
CA ASP A 347 19.25 -7.42 2.64
C ASP A 347 20.49 -7.77 1.82
N TYR A 348 20.31 -8.41 0.66
CA TYR A 348 21.46 -8.86 -0.12
C TYR A 348 22.29 -7.70 -0.64
N TRP A 349 21.65 -6.73 -1.30
CA TRP A 349 22.42 -5.68 -1.95
C TRP A 349 22.94 -4.65 -0.96
N SER A 350 22.38 -4.58 0.25
CA SER A 350 22.94 -3.72 1.28
C SER A 350 23.94 -4.46 2.17
N LYS A 351 24.27 -5.71 1.84
CA LYS A 351 25.16 -6.52 2.66
C LYS A 351 24.70 -6.54 4.10
N GLY A 352 23.38 -6.64 4.29
CA GLY A 352 22.79 -6.76 5.61
C GLY A 352 22.67 -5.49 6.41
N GLN A 353 22.94 -4.33 5.81
CA GLN A 353 22.87 -3.06 6.53
C GLN A 353 21.47 -2.47 6.61
N LEU A 354 20.59 -2.83 5.67
CA LEU A 354 19.22 -2.34 5.66
C LEU A 354 18.26 -3.49 5.91
N LYS A 355 17.12 -3.16 6.52
CA LYS A 355 16.09 -4.13 6.86
C LYS A 355 14.78 -3.72 6.23
N ALA A 356 14.17 -4.62 5.45
CA ALA A 356 12.84 -4.37 4.88
C ALA A 356 11.76 -4.69 5.91
N LEU A 357 10.90 -3.71 6.16
CA LEU A 357 9.79 -3.84 7.09
C LEU A 357 8.46 -3.66 6.35
N PHE A 358 7.43 -4.31 6.87
CA PHE A 358 6.11 -4.32 6.26
C PHE A 358 5.07 -4.10 7.34
N LEU A 359 3.90 -3.61 6.95
CA LEU A 359 2.85 -3.29 7.92
C LEU A 359 1.54 -3.95 7.50
N GLU A 360 0.77 -4.44 8.47
CA GLU A 360 -0.44 -5.18 8.13
C GLU A 360 -1.49 -4.29 7.46
N HIS A 361 -1.56 -3.02 7.83
CA HIS A 361 -2.57 -2.10 7.31
C HIS A 361 -1.99 -1.20 6.23
N GLU A 362 -1.08 -1.74 5.41
CA GLU A 362 -0.21 -0.92 4.57
C GLU A 362 -0.94 0.00 3.58
N GLY A 363 -2.15 -0.34 3.14
CA GLY A 363 -2.80 0.55 2.19
C GLY A 363 -3.65 1.67 2.79
N TYR A 364 -3.87 1.64 4.10
CA TYR A 364 -4.93 2.43 4.72
C TYR A 364 -4.42 3.56 5.61
N PHE A 365 -3.11 3.81 5.65
CA PHE A 365 -2.64 4.75 6.66
C PHE A 365 -3.10 6.17 6.38
N GLY A 366 -3.17 6.57 5.10
CA GLY A 366 -3.67 7.91 4.81
C GLY A 366 -5.12 8.08 5.23
N ALA A 367 -5.94 7.07 4.99
CA ALA A 367 -7.34 7.13 5.41
C ALA A 367 -7.47 7.25 6.93
N VAL A 368 -6.64 6.53 7.69
CA VAL A 368 -6.67 6.64 9.14
C VAL A 368 -6.19 8.02 9.59
N GLY A 369 -5.10 8.49 8.99
CA GLY A 369 -4.61 9.83 9.33
C GLY A 369 -5.63 10.91 9.08
N ALA A 370 -6.39 10.79 7.98
CA ALA A 370 -7.47 11.74 7.71
C ALA A 370 -8.52 11.69 8.81
N LEU A 371 -8.95 10.49 9.18
CA LEU A 371 -9.92 10.35 10.27
C LEU A 371 -9.42 11.01 11.54
N LEU A 372 -8.13 10.85 11.83
CA LEU A 372 -7.56 11.42 13.04
C LEU A 372 -7.56 12.94 13.02
N GLY A 373 -7.75 13.57 11.85
CA GLY A 373 -7.86 15.02 11.79
C GLY A 373 -9.22 15.57 12.17
N LEU A 374 -10.20 14.71 12.38
CA LEU A 374 -11.55 15.15 12.69
C LEU A 374 -11.64 16.13 13.86
N PRO A 375 -10.93 15.96 14.98
CA PRO A 375 -11.07 16.91 16.09
C PRO A 375 -10.67 18.34 15.75
N ASN A 376 -9.84 18.55 14.73
CA ASN A 376 -9.43 19.90 14.36
C ASN A 376 -10.54 20.70 13.70
N PHE A 377 -11.72 20.12 13.53
CA PHE A 377 -12.81 20.80 12.84
C PHE A 377 -14.10 20.73 13.66
#